data_1CY2
#
_entry.id   1CY2
#
_cell.length_a   62.750
_cell.length_b   78.040
_cell.length_c   139.080
_cell.angle_alpha   90.00
_cell.angle_beta   90.00
_cell.angle_gamma   90.00
#
_symmetry.space_group_name_H-M   'P 21 21 21'
#
loop_
_entity.id
_entity.type
_entity.pdbx_description
1 polymer 'DNA TOPOISOMERASE I'
2 non-polymer 'PHOSPHATE ION'
3 non-polymer "THYMIDINE-5'-PHOSPHATE"
4 water water
#
_entity_poly.entity_id   1
_entity_poly.type   'polypeptide(L)'
_entity_poly.pdbx_seq_one_letter_code
;GSMGKALVIVESPAKAKTINKYLGSDYVVKSSVGHIRDLPTSGSAAKKSADSTSTKTAKKPKKDERGALVNRMGVDPWHN
WEAHYEVLPGKEKVVSELKQLAEKADHIYLATDLDREGEAIAWHLREVIGGDDARYSRVVFNEITKNAIRQAFNKPGELN
IDRVNAQQARRFMDRVVGYMVSPLLWKKIARGLSAGRVQSVAVRLVVEREREIKAFVPEEFWEVDASTTTPSGEALALQV
THQNDKPFRPVNKEQTQAAVSLLEKARYSVLEREDKPTTSKPGAPFITSTLQQAASTRLGFGVKKTMMMAQRLYEAGYIT
YMRTDSTNLSQDAVNMVRGYISDNFGKKYLPESPNQYASKENSQEAHEAIRPSDVNVMAESLKDMEADAQKLYQLIWRQF
VACQMTPAKYDSTTLTVGAGDFRLKARGRILRFDGWTKVMPALRKGDEDRILPAVNKGDALTLVELTPAQHFTKPPARFS
EASLVKELEKRGIGRPSTYASIISTIQDRGYVRVENRRFYAEKMGEIVTDRLEENFRELMNYDFTAQMENSLDQVANHEA
EWKAVLDHFFSDFTQQLDKAEKDPEEGGMRPNQMVLTSI
;
_entity_poly.pdbx_strand_id   A
#
loop_
_chem_comp.id
_chem_comp.type
_chem_comp.name
_chem_comp.formula
PO4 non-polymer 'PHOSPHATE ION' 'O4 P -3'
TMP non-polymer THYMIDINE-5'-PHOSPHATE 'C10 H15 N2 O8 P'
#
# COMPACT_ATOMS: atom_id res chain seq x y z
N GLY A 4 -17.99 38.83 -13.47
CA GLY A 4 -18.90 37.68 -13.17
C GLY A 4 -18.23 36.34 -13.42
N LYS A 5 -16.92 36.29 -13.22
CA LYS A 5 -16.16 35.07 -13.43
C LYS A 5 -16.39 34.07 -12.30
N ALA A 6 -16.14 32.81 -12.59
CA ALA A 6 -16.31 31.73 -11.62
C ALA A 6 -15.00 31.53 -10.87
N LEU A 7 -15.09 31.29 -9.57
CA LEU A 7 -13.91 31.07 -8.76
C LEU A 7 -13.65 29.56 -8.60
N VAL A 8 -12.39 29.16 -8.68
CA VAL A 8 -12.01 27.76 -8.52
C VAL A 8 -10.95 27.65 -7.42
N ILE A 9 -11.26 26.90 -6.38
CA ILE A 9 -10.33 26.72 -5.28
C ILE A 9 -9.73 25.32 -5.26
N VAL A 10 -8.41 25.25 -5.05
CA VAL A 10 -7.68 23.99 -4.95
C VAL A 10 -6.89 24.12 -3.67
N GLU A 11 -6.16 23.07 -3.28
CA GLU A 11 -5.42 23.14 -2.03
C GLU A 11 -3.93 23.43 -2.11
N SER A 12 -3.37 23.55 -3.31
CA SER A 12 -1.93 23.83 -3.41
C SER A 12 -1.59 24.66 -4.64
N PRO A 13 -0.53 25.47 -4.56
CA PRO A 13 -0.13 26.31 -5.70
C PRO A 13 0.16 25.46 -6.94
N ALA A 14 0.80 24.32 -6.73
CA ALA A 14 1.13 23.41 -7.83
C ALA A 14 -0.12 23.00 -8.59
N LYS A 15 -1.13 22.49 -7.88
CA LYS A 15 -2.39 22.10 -8.52
C LYS A 15 -2.98 23.29 -9.24
N ALA A 16 -2.98 24.43 -8.56
CA ALA A 16 -3.53 25.66 -9.14
C ALA A 16 -2.87 25.91 -10.47
N LYS A 17 -1.53 25.91 -10.46
CA LYS A 17 -0.75 26.13 -11.66
C LYS A 17 -1.25 25.21 -12.77
N THR A 18 -1.21 23.90 -12.53
CA THR A 18 -1.63 22.93 -13.52
C THR A 18 -3.09 23.05 -13.97
N ILE A 19 -4.03 23.06 -13.03
CA ILE A 19 -5.44 23.16 -13.38
C ILE A 19 -5.77 24.44 -14.13
N ASN A 20 -5.03 25.51 -13.86
CA ASN A 20 -5.23 26.79 -14.50
C ASN A 20 -5.02 26.75 -16.01
N LYS A 21 -4.15 25.85 -16.47
CA LYS A 21 -3.85 25.69 -17.89
C LYS A 21 -5.07 25.21 -18.67
N TYR A 22 -5.99 24.57 -17.97
CA TYR A 22 -7.17 24.00 -18.60
C TYR A 22 -8.47 24.71 -18.30
N LEU A 23 -8.39 25.82 -17.59
CA LEU A 23 -9.58 26.59 -17.26
C LEU A 23 -9.61 27.91 -18.02
N GLY A 24 -10.72 28.15 -18.71
CA GLY A 24 -10.86 29.36 -19.50
C GLY A 24 -10.76 30.64 -18.68
N SER A 25 -10.94 31.77 -19.35
CA SER A 25 -10.86 33.06 -18.69
C SER A 25 -12.01 33.26 -17.70
N ASP A 26 -13.08 32.51 -17.90
CA ASP A 26 -14.24 32.60 -17.03
C ASP A 26 -13.90 32.16 -15.60
N TYR A 27 -12.79 31.44 -15.45
CA TYR A 27 -12.38 30.94 -14.15
C TYR A 27 -11.16 31.63 -13.55
N VAL A 28 -11.17 31.73 -12.22
CA VAL A 28 -10.07 32.32 -11.47
C VAL A 28 -9.66 31.28 -10.43
N VAL A 29 -8.55 30.58 -10.70
CA VAL A 29 -8.09 29.55 -9.79
C VAL A 29 -7.27 30.12 -8.64
N LYS A 30 -7.61 29.69 -7.42
CA LYS A 30 -6.90 30.16 -6.25
C LYS A 30 -6.63 28.99 -5.31
N SER A 31 -5.43 28.96 -4.75
CA SER A 31 -5.01 27.92 -3.82
C SER A 31 -5.31 28.34 -2.38
N SER A 32 -5.80 27.40 -1.59
CA SER A 32 -6.11 27.68 -0.20
C SER A 32 -4.82 27.63 0.61
N VAL A 33 -3.79 27.04 0.01
CA VAL A 33 -2.50 26.92 0.66
C VAL A 33 -2.67 26.28 2.04
N GLY A 34 -2.91 24.98 2.06
CA GLY A 34 -3.10 24.29 3.32
C GLY A 34 -4.56 23.99 3.61
N HIS A 35 -4.84 23.52 4.82
CA HIS A 35 -6.20 23.17 5.21
C HIS A 35 -7.10 24.33 5.64
N ILE A 36 -6.51 25.50 5.84
CA ILE A 36 -7.28 26.67 6.25
C ILE A 36 -7.85 26.53 7.65
N ARG A 37 -8.64 25.48 7.86
CA ARG A 37 -9.26 25.24 9.15
C ARG A 37 -9.16 23.78 9.57
N ASP A 38 -9.12 23.54 10.88
CA ASP A 38 -9.03 22.18 11.41
C ASP A 38 -9.16 22.24 12.93
N LEU A 39 -8.94 21.11 13.60
CA LEU A 39 -9.04 21.07 15.05
C LEU A 39 -7.82 21.77 15.68
N PRO A 40 -7.91 22.14 16.96
CA PRO A 40 -6.82 22.83 17.67
C PRO A 40 -5.54 22.03 17.85
N ASP A 64 -18.48 11.82 31.79
CA ASP A 64 -17.15 11.88 32.37
C ASP A 64 -16.29 12.85 31.57
N GLU A 65 -16.84 14.04 31.30
CA GLU A 65 -16.15 15.06 30.53
C GLU A 65 -15.25 16.00 31.32
N ARG A 66 -14.21 16.49 30.65
CA ARG A 66 -13.28 17.44 31.25
C ARG A 66 -13.20 18.59 30.26
N GLY A 67 -13.76 19.74 30.63
CA GLY A 67 -13.73 20.89 29.75
C GLY A 67 -12.37 21.11 29.11
N ALA A 68 -11.32 20.86 29.88
CA ALA A 68 -9.94 21.05 29.40
C ALA A 68 -9.59 20.00 28.36
N LEU A 69 -10.04 18.77 28.57
CA LEU A 69 -9.78 17.68 27.63
C LEU A 69 -10.47 18.05 26.31
N VAL A 70 -11.75 18.40 26.41
CA VAL A 70 -12.54 18.79 25.26
C VAL A 70 -11.87 19.94 24.51
N ASN A 71 -11.36 20.91 25.26
CA ASN A 71 -10.69 22.06 24.68
C ASN A 71 -9.47 21.63 23.88
N ARG A 72 -8.66 20.74 24.44
CA ARG A 72 -7.47 20.28 23.74
C ARG A 72 -7.86 19.49 22.49
N MET A 73 -8.83 18.61 22.62
CA MET A 73 -9.27 17.80 21.49
C MET A 73 -9.95 18.60 20.40
N GLY A 74 -10.86 19.49 20.80
CA GLY A 74 -11.57 20.29 19.81
C GLY A 74 -12.85 19.60 19.39
N VAL A 75 -13.18 18.53 20.11
CA VAL A 75 -14.37 17.74 19.84
C VAL A 75 -14.93 17.30 21.19
N ASP A 76 -16.26 17.25 21.31
CA ASP A 76 -16.88 16.90 22.57
C ASP A 76 -17.70 15.60 22.55
N PRO A 77 -17.10 14.48 22.98
CA PRO A 77 -17.78 13.18 22.99
C PRO A 77 -19.02 13.18 23.88
N TRP A 78 -19.00 14.01 24.91
CA TRP A 78 -20.11 14.07 25.86
C TRP A 78 -21.20 15.06 25.47
N HIS A 79 -20.94 15.85 24.44
CA HIS A 79 -21.91 16.81 23.95
C HIS A 79 -22.16 16.58 22.46
N ASN A 80 -22.55 15.34 22.13
CA ASN A 80 -22.87 14.94 20.75
C ASN A 80 -21.82 15.30 19.70
N TRP A 81 -20.55 15.22 20.07
CA TRP A 81 -19.47 15.50 19.14
C TRP A 81 -19.46 16.90 18.55
N GLU A 82 -19.81 17.86 19.40
CA GLU A 82 -19.80 19.25 19.01
C GLU A 82 -18.32 19.52 18.78
N ALA A 83 -17.99 20.13 17.66
CA ALA A 83 -16.59 20.41 17.32
C ALA A 83 -16.24 21.88 17.31
N HIS A 84 -14.98 22.18 17.62
CA HIS A 84 -14.46 23.52 17.67
C HIS A 84 -13.32 23.62 16.65
N TYR A 85 -13.66 23.96 15.42
CA TYR A 85 -12.66 24.09 14.36
C TYR A 85 -12.09 25.51 14.38
N GLU A 86 -10.77 25.61 14.28
CA GLU A 86 -10.10 26.91 14.28
C GLU A 86 -9.33 27.08 12.98
N VAL A 87 -9.13 28.32 12.56
CA VAL A 87 -8.36 28.56 11.35
C VAL A 87 -6.88 28.39 11.73
N LEU A 88 -6.12 27.72 10.88
CA LEU A 88 -4.72 27.48 11.16
C LEU A 88 -3.93 28.80 11.14
N PRO A 89 -2.78 28.84 11.83
CA PRO A 89 -1.95 30.05 11.88
C PRO A 89 -1.65 30.67 10.51
N GLY A 90 -1.70 32.00 10.46
CA GLY A 90 -1.42 32.71 9.22
C GLY A 90 -2.33 32.33 8.07
N LYS A 91 -3.52 31.84 8.39
CA LYS A 91 -4.47 31.43 7.36
C LYS A 91 -5.62 32.43 7.24
N GLU A 92 -5.70 33.35 8.18
CA GLU A 92 -6.76 34.35 8.13
C GLU A 92 -6.58 35.26 6.93
N LYS A 93 -5.34 35.40 6.48
CA LYS A 93 -5.04 36.23 5.33
C LYS A 93 -5.66 35.58 4.08
N VAL A 94 -5.46 34.28 3.95
CA VAL A 94 -6.00 33.54 2.82
C VAL A 94 -7.52 33.54 2.91
N VAL A 95 -8.04 33.44 4.12
CA VAL A 95 -9.48 33.43 4.36
C VAL A 95 -10.09 34.69 3.75
N SER A 96 -9.56 35.84 4.17
CA SER A 96 -10.06 37.12 3.68
C SER A 96 -9.75 37.29 2.19
N GLU A 97 -8.80 36.52 1.68
CA GLU A 97 -8.47 36.59 0.25
C GLU A 97 -9.53 35.87 -0.56
N LEU A 98 -10.05 34.77 0.00
CA LEU A 98 -11.07 33.98 -0.67
C LEU A 98 -12.45 34.66 -0.63
N LYS A 99 -12.83 35.15 0.55
CA LYS A 99 -14.11 35.83 0.71
C LYS A 99 -14.19 36.95 -0.33
N GLN A 100 -13.11 37.72 -0.40
CA GLN A 100 -12.99 38.85 -1.31
C GLN A 100 -13.19 38.41 -2.77
N LEU A 101 -12.58 37.31 -3.14
CA LEU A 101 -12.70 36.79 -4.50
C LEU A 101 -14.05 36.09 -4.68
N ALA A 102 -14.64 35.68 -3.56
CA ALA A 102 -15.92 34.98 -3.57
C ALA A 102 -17.06 35.90 -4.02
N GLU A 103 -17.06 37.13 -3.50
CA GLU A 103 -18.10 38.08 -3.86
C GLU A 103 -18.07 38.42 -5.35
N LYS A 104 -16.87 38.56 -5.89
CA LYS A 104 -16.69 38.90 -7.30
C LYS A 104 -17.09 37.75 -8.23
N ALA A 105 -17.21 36.55 -7.67
CA ALA A 105 -17.57 35.38 -8.47
C ALA A 105 -19.03 34.99 -8.34
N ASP A 106 -19.61 34.54 -9.45
CA ASP A 106 -21.00 34.12 -9.47
C ASP A 106 -21.17 32.70 -8.93
N HIS A 107 -20.12 31.91 -9.04
CA HIS A 107 -20.16 30.53 -8.56
C HIS A 107 -18.79 30.08 -8.06
N ILE A 108 -18.78 29.31 -6.97
CA ILE A 108 -17.52 28.83 -6.41
C ILE A 108 -17.35 27.33 -6.63
N TYR A 109 -16.20 26.97 -7.21
CA TYR A 109 -15.90 25.58 -7.48
C TYR A 109 -14.83 25.08 -6.55
N LEU A 110 -15.20 24.12 -5.71
CA LEU A 110 -14.25 23.53 -4.78
C LEU A 110 -13.62 22.35 -5.51
N ALA A 111 -12.39 22.54 -5.93
CA ALA A 111 -11.67 21.52 -6.67
C ALA A 111 -10.59 20.88 -5.84
N THR A 112 -10.96 20.43 -4.64
CA THR A 112 -10.02 19.77 -3.76
C THR A 112 -9.89 18.34 -4.28
N ASP A 113 -8.96 17.56 -3.73
CA ASP A 113 -8.78 16.18 -4.21
C ASP A 113 -10.00 15.30 -3.99
N LEU A 114 -10.16 14.30 -4.86
CA LEU A 114 -11.32 13.42 -4.82
C LEU A 114 -11.61 12.59 -3.57
N ASP A 115 -10.67 12.46 -2.66
CA ASP A 115 -10.92 11.65 -1.47
C ASP A 115 -11.70 12.36 -0.37
N ARG A 116 -12.00 11.63 0.70
CA ARG A 116 -12.76 12.18 1.82
C ARG A 116 -12.12 13.41 2.44
N GLU A 117 -10.81 13.32 2.68
CA GLU A 117 -10.08 14.45 3.24
C GLU A 117 -10.27 15.62 2.30
N GLY A 118 -10.21 15.35 1.01
CA GLY A 118 -10.39 16.40 0.03
C GLY A 118 -11.81 16.94 0.16
N GLU A 119 -12.74 16.05 0.47
CA GLU A 119 -14.13 16.42 0.63
C GLU A 119 -14.32 17.31 1.84
N ALA A 120 -13.61 16.99 2.92
CA ALA A 120 -13.70 17.74 4.16
C ALA A 120 -13.10 19.11 4.01
N ILE A 121 -11.98 19.17 3.29
CA ILE A 121 -11.31 20.44 3.05
C ILE A 121 -12.27 21.34 2.29
N ALA A 122 -12.95 20.76 1.30
CA ALA A 122 -13.92 21.51 0.51
C ALA A 122 -15.00 22.03 1.44
N TRP A 123 -15.43 21.17 2.37
CA TRP A 123 -16.46 21.54 3.34
C TRP A 123 -16.00 22.74 4.14
N HIS A 124 -14.81 22.65 4.71
CA HIS A 124 -14.25 23.73 5.52
C HIS A 124 -14.16 25.04 4.74
N LEU A 125 -13.72 24.96 3.48
CA LEU A 125 -13.63 26.16 2.67
C LEU A 125 -15.01 26.78 2.54
N ARG A 126 -16.03 25.96 2.32
CA ARG A 126 -17.37 26.48 2.17
C ARG A 126 -17.91 27.12 3.45
N GLU A 127 -17.61 26.55 4.60
CA GLU A 127 -18.08 27.10 5.86
C GLU A 127 -17.46 28.47 6.08
N VAL A 128 -16.16 28.56 5.86
CA VAL A 128 -15.44 29.82 6.04
C VAL A 128 -15.95 30.87 5.06
N ILE A 129 -15.77 30.60 3.77
CA ILE A 129 -16.23 31.54 2.76
C ILE A 129 -17.72 31.82 2.90
N GLY A 130 -18.43 30.97 3.62
CA GLY A 130 -19.85 31.16 3.82
C GLY A 130 -20.63 31.45 2.56
N GLY A 131 -21.90 31.83 2.72
CA GLY A 131 -22.73 32.13 1.58
C GLY A 131 -23.74 31.02 1.35
N ASP A 132 -24.51 31.12 0.25
CA ASP A 132 -25.51 30.13 -0.08
C ASP A 132 -24.87 28.85 -0.59
N ASP A 133 -25.42 27.71 -0.18
CA ASP A 133 -24.92 26.41 -0.62
C ASP A 133 -25.00 26.30 -2.14
N ALA A 134 -25.96 27.02 -2.73
CA ALA A 134 -26.16 26.99 -4.16
C ALA A 134 -25.00 27.65 -4.92
N ARG A 135 -24.19 28.40 -4.20
CA ARG A 135 -23.02 29.07 -4.79
C ARG A 135 -21.85 28.11 -4.93
N TYR A 136 -21.99 26.93 -4.32
CA TYR A 136 -20.91 25.95 -4.33
C TYR A 136 -21.15 24.66 -5.09
N SER A 137 -20.13 24.28 -5.86
CA SER A 137 -20.14 23.05 -6.62
C SER A 137 -18.87 22.31 -6.19
N ARG A 138 -18.93 20.99 -6.15
CA ARG A 138 -17.75 20.22 -5.79
C ARG A 138 -17.35 19.48 -7.04
N VAL A 139 -16.21 19.85 -7.62
CA VAL A 139 -15.73 19.19 -8.82
C VAL A 139 -14.78 18.06 -8.46
N VAL A 140 -14.98 16.92 -9.09
CA VAL A 140 -14.14 15.76 -8.84
C VAL A 140 -13.46 15.35 -10.13
N PHE A 141 -12.19 14.99 -10.02
CA PHE A 141 -11.41 14.56 -11.17
C PHE A 141 -10.24 13.74 -10.65
N ASN A 142 -9.87 12.67 -11.36
CA ASN A 142 -8.76 11.83 -10.93
C ASN A 142 -7.45 12.17 -11.61
N GLU A 143 -7.45 13.19 -12.45
CA GLU A 143 -6.24 13.63 -13.11
C GLU A 143 -6.43 15.06 -13.56
N ILE A 144 -5.34 15.81 -13.67
CA ILE A 144 -5.43 17.19 -14.08
C ILE A 144 -4.97 17.35 -15.51
N THR A 145 -5.88 17.00 -16.43
CA THR A 145 -5.66 17.07 -17.86
C THR A 145 -6.81 17.89 -18.46
N LYS A 146 -6.61 18.39 -19.68
CA LYS A 146 -7.62 19.20 -20.36
C LYS A 146 -9.00 18.53 -20.36
N ASN A 147 -9.05 17.29 -20.84
CA ASN A 147 -10.30 16.54 -20.91
C ASN A 147 -10.92 16.23 -19.55
N ALA A 148 -10.09 15.86 -18.58
CA ALA A 148 -10.59 15.52 -17.24
C ALA A 148 -11.13 16.74 -16.53
N ILE A 149 -10.52 17.90 -16.76
CA ILE A 149 -10.99 19.11 -16.12
C ILE A 149 -12.28 19.55 -16.82
N ARG A 150 -12.30 19.40 -18.13
CA ARG A 150 -13.46 19.74 -18.94
C ARG A 150 -14.69 19.01 -18.41
N GLN A 151 -14.61 17.68 -18.36
CA GLN A 151 -15.71 16.86 -17.89
C GLN A 151 -16.06 17.12 -16.42
N ALA A 152 -15.04 17.45 -15.62
CA ALA A 152 -15.26 17.72 -14.21
C ALA A 152 -16.03 19.02 -13.99
N PHE A 153 -15.74 20.03 -14.81
CA PHE A 153 -16.42 21.32 -14.68
C PHE A 153 -17.68 21.42 -15.55
N ASN A 154 -17.95 20.38 -16.32
CA ASN A 154 -19.12 20.35 -17.19
C ASN A 154 -20.33 19.99 -16.33
N LYS A 155 -20.22 18.88 -15.61
CA LYS A 155 -21.28 18.42 -14.73
C LYS A 155 -20.77 18.46 -13.30
N PRO A 156 -20.71 19.65 -12.69
CA PRO A 156 -20.22 19.82 -11.33
C PRO A 156 -21.17 19.19 -10.34
N GLY A 157 -20.63 18.56 -9.31
CA GLY A 157 -21.46 17.93 -8.31
C GLY A 157 -21.63 18.76 -7.06
N GLU A 158 -22.36 18.22 -6.09
CA GLU A 158 -22.61 18.88 -4.80
C GLU A 158 -21.66 18.29 -3.77
N LEU A 159 -21.37 19.04 -2.72
CA LEU A 159 -20.50 18.56 -1.65
C LEU A 159 -21.23 17.36 -1.03
N ASN A 160 -20.53 16.25 -0.84
CA ASN A 160 -21.15 15.07 -0.26
C ASN A 160 -20.95 15.11 1.24
N ILE A 161 -21.98 15.53 1.96
CA ILE A 161 -21.91 15.64 3.42
C ILE A 161 -21.60 14.32 4.11
N ASP A 162 -22.03 13.22 3.53
CA ASP A 162 -21.78 11.91 4.12
C ASP A 162 -20.28 11.62 4.13
N ARG A 163 -19.60 11.96 3.05
CA ARG A 163 -18.17 11.72 2.96
C ARG A 163 -17.44 12.63 3.94
N VAL A 164 -17.93 13.87 4.08
CA VAL A 164 -17.33 14.80 5.02
C VAL A 164 -17.49 14.22 6.42
N ASN A 165 -18.67 13.69 6.70
CA ASN A 165 -18.95 13.11 8.00
C ASN A 165 -18.12 11.87 8.25
N ALA A 166 -17.85 11.13 7.17
CA ALA A 166 -17.07 9.92 7.29
C ALA A 166 -15.64 10.36 7.61
N GLN A 167 -15.21 11.46 6.99
CA GLN A 167 -13.87 11.96 7.23
C GLN A 167 -13.74 12.57 8.63
N GLN A 168 -14.79 13.22 9.11
CA GLN A 168 -14.68 13.81 10.43
C GLN A 168 -14.84 12.74 11.49
N ALA A 169 -15.65 11.73 11.21
CA ALA A 169 -15.82 10.65 12.16
C ALA A 169 -14.44 10.05 12.41
N ARG A 170 -13.68 9.85 11.33
CA ARG A 170 -12.34 9.28 11.45
C ARG A 170 -11.41 10.14 12.30
N ARG A 171 -11.35 11.44 12.02
CA ARG A 171 -10.47 12.30 12.79
C ARG A 171 -10.93 12.45 14.24
N PHE A 172 -12.24 12.46 14.46
CA PHE A 172 -12.73 12.58 15.83
C PHE A 172 -12.29 11.35 16.65
N MET A 173 -12.52 10.15 16.15
CA MET A 173 -12.10 8.99 16.93
C MET A 173 -10.57 8.91 17.07
N ASP A 174 -9.82 9.32 16.05
CA ASP A 174 -8.37 9.29 16.16
C ASP A 174 -7.93 10.27 17.25
N ARG A 175 -8.60 11.41 17.28
CA ARG A 175 -8.30 12.43 18.26
C ARG A 175 -8.62 11.91 19.66
N VAL A 176 -9.75 11.23 19.79
CA VAL A 176 -10.19 10.67 21.06
C VAL A 176 -9.21 9.65 21.62
N VAL A 177 -8.82 8.70 20.79
CA VAL A 177 -7.87 7.68 21.21
C VAL A 177 -6.57 8.40 21.58
N GLY A 178 -6.06 9.19 20.65
CA GLY A 178 -4.83 9.90 20.90
C GLY A 178 -4.78 10.66 22.21
N TYR A 179 -5.75 11.54 22.42
CA TYR A 179 -5.80 12.37 23.63
C TYR A 179 -6.32 11.75 24.91
N MET A 180 -6.95 10.59 24.81
CA MET A 180 -7.47 9.98 26.02
C MET A 180 -6.64 8.77 26.42
N VAL A 181 -6.01 8.12 25.45
CA VAL A 181 -5.19 6.96 25.79
C VAL A 181 -3.78 7.41 26.15
N SER A 182 -3.27 8.43 25.45
CA SER A 182 -1.92 8.91 25.70
C SER A 182 -1.65 9.30 27.14
N PRO A 183 -2.53 10.11 27.75
CA PRO A 183 -2.30 10.51 29.15
C PRO A 183 -2.17 9.29 30.06
N LEU A 184 -2.98 8.27 29.81
CA LEU A 184 -2.89 7.07 30.63
C LEU A 184 -1.50 6.46 30.47
N LEU A 185 -0.97 6.52 29.25
CA LEU A 185 0.36 5.97 28.99
C LEU A 185 1.43 6.78 29.73
N TRP A 186 1.21 8.09 29.88
CA TRP A 186 2.18 8.94 30.56
C TRP A 186 2.27 8.62 32.05
N LYS A 187 1.12 8.33 32.64
CA LYS A 187 1.06 8.02 34.06
C LYS A 187 1.47 6.58 34.36
N LYS A 188 1.16 5.65 33.47
CA LYS A 188 1.47 4.24 33.68
C LYS A 188 2.81 3.79 33.11
N ILE A 189 3.16 4.29 31.93
CA ILE A 189 4.39 3.86 31.28
C ILE A 189 5.49 4.91 31.23
N ALA A 190 5.29 5.94 30.41
CA ALA A 190 6.30 7.00 30.29
C ALA A 190 5.73 8.25 29.66
N ARG A 191 6.25 9.40 30.10
CA ARG A 191 5.81 10.69 29.59
C ARG A 191 6.18 10.76 28.11
N GLY A 192 5.38 11.49 27.34
CA GLY A 192 5.67 11.64 25.92
C GLY A 192 5.22 10.55 24.97
N LEU A 193 4.86 9.38 25.48
CA LEU A 193 4.41 8.29 24.60
C LEU A 193 3.12 8.70 23.91
N SER A 194 2.89 8.13 22.74
CA SER A 194 1.69 8.43 21.98
C SER A 194 0.87 7.18 21.73
N ALA A 195 -0.44 7.37 21.63
CA ALA A 195 -1.35 6.26 21.36
C ALA A 195 -1.98 6.63 20.02
N GLY A 196 -2.24 5.62 19.19
CA GLY A 196 -2.85 5.88 17.90
C GLY A 196 -3.86 4.81 17.59
N ARG A 197 -5.07 5.21 17.21
CA ARG A 197 -6.11 4.26 16.90
C ARG A 197 -5.56 3.18 15.98
N VAL A 198 -5.05 3.57 14.82
CA VAL A 198 -4.50 2.61 13.88
C VAL A 198 -2.99 2.39 14.08
N GLN A 199 -2.31 3.43 14.54
CA GLN A 199 -0.86 3.32 14.75
C GLN A 199 -0.45 2.21 15.72
N SER A 200 -1.23 2.02 16.78
CA SER A 200 -0.94 1.00 17.77
C SER A 200 -1.19 -0.40 17.21
N VAL A 201 -2.12 -0.50 16.27
CA VAL A 201 -2.42 -1.78 15.65
C VAL A 201 -1.28 -2.09 14.70
N ALA A 202 -0.81 -1.06 14.00
CA ALA A 202 0.30 -1.21 13.06
C ALA A 202 1.53 -1.68 13.82
N VAL A 203 1.81 -1.04 14.95
CA VAL A 203 2.96 -1.42 15.77
C VAL A 203 2.77 -2.86 16.23
N ARG A 204 1.55 -3.21 16.60
CA ARG A 204 1.28 -4.56 17.05
C ARG A 204 1.73 -5.58 15.99
N LEU A 205 1.47 -5.29 14.72
CA LEU A 205 1.90 -6.20 13.67
C LEU A 205 3.41 -6.36 13.69
N VAL A 206 4.13 -5.26 13.94
CA VAL A 206 5.58 -5.30 13.99
C VAL A 206 6.11 -6.01 15.23
N VAL A 207 5.49 -5.76 16.37
CA VAL A 207 5.92 -6.40 17.60
C VAL A 207 5.67 -7.90 17.52
N GLU A 208 4.60 -8.29 16.84
CA GLU A 208 4.25 -9.70 16.68
C GLU A 208 5.32 -10.39 15.82
N ARG A 209 5.69 -9.71 14.73
CA ARG A 209 6.70 -10.24 13.84
C ARG A 209 8.02 -10.35 14.60
N GLU A 210 8.35 -9.31 15.37
CA GLU A 210 9.59 -9.28 16.14
C GLU A 210 9.69 -10.51 17.04
N ARG A 211 8.58 -10.86 17.67
CA ARG A 211 8.55 -11.99 18.57
C ARG A 211 8.55 -13.36 17.89
N GLU A 212 8.00 -13.45 16.69
CA GLU A 212 8.00 -14.70 15.94
C GLU A 212 9.46 -14.99 15.58
N ILE A 213 10.16 -13.95 15.17
CA ILE A 213 11.56 -14.03 14.79
C ILE A 213 12.42 -14.35 16.01
N LYS A 214 12.17 -13.67 17.11
CA LYS A 214 12.93 -13.89 18.33
C LYS A 214 12.80 -15.33 18.78
N ALA A 215 11.58 -15.85 18.73
CA ALA A 215 11.30 -17.22 19.16
C ALA A 215 11.55 -18.30 18.12
N PHE A 216 12.07 -17.92 16.97
CA PHE A 216 12.32 -18.90 15.92
C PHE A 216 13.59 -19.73 16.17
N VAL A 217 13.45 -21.04 16.11
CA VAL A 217 14.58 -21.94 16.30
C VAL A 217 14.92 -22.62 14.97
N PRO A 218 15.92 -22.08 14.26
CA PRO A 218 16.37 -22.60 12.95
C PRO A 218 16.53 -24.12 12.93
N GLU A 219 15.99 -24.76 11.90
CA GLU A 219 16.11 -26.20 11.77
C GLU A 219 16.98 -26.53 10.58
N GLU A 220 17.90 -27.47 10.78
CA GLU A 220 18.82 -27.89 9.73
C GLU A 220 18.18 -28.92 8.80
N PHE A 221 18.43 -28.76 7.51
CA PHE A 221 17.93 -29.72 6.54
C PHE A 221 18.91 -29.72 5.37
N TRP A 222 18.97 -30.81 4.63
CA TRP A 222 19.90 -30.89 3.52
C TRP A 222 19.28 -31.08 2.16
N GLU A 223 20.08 -30.74 1.15
CA GLU A 223 19.69 -30.88 -0.23
C GLU A 223 20.87 -31.52 -0.92
N VAL A 224 20.60 -32.23 -2.00
CA VAL A 224 21.64 -32.88 -2.77
C VAL A 224 21.39 -32.59 -4.23
N ASP A 225 22.37 -31.98 -4.88
CA ASP A 225 22.27 -31.67 -6.29
C ASP A 225 23.21 -32.64 -6.99
N ALA A 226 22.85 -33.02 -8.20
CA ALA A 226 23.67 -33.94 -8.96
C ALA A 226 23.96 -33.41 -10.35
N SER A 227 25.23 -33.40 -10.73
CA SER A 227 25.62 -32.94 -12.07
C SER A 227 25.66 -34.18 -12.94
N THR A 228 25.00 -34.16 -14.08
CA THR A 228 25.03 -35.32 -14.96
C THR A 228 25.31 -34.93 -16.40
N THR A 229 25.56 -35.96 -17.20
CA THR A 229 25.84 -35.79 -18.61
C THR A 229 24.78 -36.53 -19.41
N THR A 230 24.24 -35.86 -20.42
CA THR A 230 23.24 -36.46 -21.26
C THR A 230 23.96 -37.39 -22.21
N PRO A 231 23.22 -38.18 -23.00
CA PRO A 231 23.90 -39.07 -23.93
C PRO A 231 24.77 -38.25 -24.90
N SER A 232 24.27 -37.07 -25.27
CA SER A 232 24.99 -36.18 -26.18
C SER A 232 26.06 -35.33 -25.49
N GLY A 233 26.48 -35.75 -24.30
CA GLY A 233 27.52 -35.03 -23.56
C GLY A 233 27.21 -33.69 -22.89
N GLU A 234 25.97 -33.21 -22.99
CA GLU A 234 25.61 -31.94 -22.36
C GLU A 234 25.47 -32.05 -20.85
N ALA A 235 25.67 -30.93 -20.16
CA ALA A 235 25.58 -30.88 -18.70
C ALA A 235 24.13 -30.73 -18.27
N LEU A 236 23.75 -31.48 -17.24
CA LEU A 236 22.40 -31.45 -16.71
C LEU A 236 22.47 -31.42 -15.19
N ALA A 237 22.04 -30.31 -14.60
CA ALA A 237 22.04 -30.16 -13.15
C ALA A 237 20.72 -30.68 -12.62
N LEU A 238 20.79 -31.60 -11.66
CA LEU A 238 19.58 -32.17 -11.08
C LEU A 238 19.55 -31.95 -9.59
N GLN A 239 18.34 -31.87 -9.05
CA GLN A 239 18.14 -31.70 -7.62
C GLN A 239 17.37 -32.94 -7.18
N VAL A 240 17.85 -33.62 -6.14
CA VAL A 240 17.17 -34.80 -5.66
C VAL A 240 15.88 -34.37 -5.00
N THR A 241 14.77 -35.01 -5.35
CA THR A 241 13.48 -34.67 -4.79
C THR A 241 12.86 -35.79 -3.96
N HIS A 242 13.01 -37.03 -4.41
CA HIS A 242 12.44 -38.14 -3.67
C HIS A 242 13.36 -39.32 -3.46
N GLN A 243 13.11 -40.01 -2.36
CA GLN A 243 13.83 -41.22 -2.00
C GLN A 243 12.74 -42.15 -1.50
N ASN A 244 12.55 -43.26 -2.20
CA ASN A 244 11.51 -44.21 -1.83
C ASN A 244 10.14 -43.57 -1.98
N ASP A 245 10.00 -42.73 -3.00
CA ASP A 245 8.73 -42.06 -3.30
C ASP A 245 8.29 -41.05 -2.25
N LYS A 246 9.12 -40.84 -1.23
CA LYS A 246 8.83 -39.87 -0.19
C LYS A 246 9.74 -38.68 -0.45
N PRO A 247 9.30 -37.48 -0.09
CA PRO A 247 10.15 -36.30 -0.31
C PRO A 247 11.52 -36.49 0.35
N PHE A 248 12.57 -36.02 -0.32
CA PHE A 248 13.93 -36.14 0.20
C PHE A 248 14.20 -34.98 1.16
N ARG A 249 14.24 -35.27 2.46
CA ARG A 249 14.46 -34.23 3.44
C ARG A 249 15.43 -34.62 4.57
N PRO A 250 16.66 -35.03 4.21
CA PRO A 250 17.60 -35.40 5.26
C PRO A 250 17.76 -34.24 6.24
N VAL A 251 17.86 -34.55 7.53
CA VAL A 251 17.98 -33.52 8.56
C VAL A 251 19.39 -33.27 9.07
N ASN A 252 20.33 -34.16 8.75
CA ASN A 252 21.70 -34.00 9.22
C ASN A 252 22.75 -34.54 8.25
N LYS A 253 24.02 -34.42 8.63
CA LYS A 253 25.13 -34.85 7.81
C LYS A 253 25.19 -36.36 7.52
N GLU A 254 24.87 -37.16 8.53
CA GLU A 254 24.91 -38.62 8.37
C GLU A 254 23.88 -39.12 7.36
N GLN A 255 22.66 -38.61 7.45
CA GLN A 255 21.58 -39.02 6.54
C GLN A 255 21.91 -38.63 5.11
N THR A 256 22.54 -37.46 4.95
CA THR A 256 22.91 -36.96 3.64
C THR A 256 23.99 -37.83 3.01
N GLN A 257 24.98 -38.21 3.82
CA GLN A 257 26.08 -39.05 3.36
C GLN A 257 25.58 -40.41 2.90
N ALA A 258 24.70 -41.00 3.69
CA ALA A 258 24.14 -42.30 3.35
C ALA A 258 23.40 -42.21 2.01
N ALA A 259 22.64 -41.14 1.82
CA ALA A 259 21.90 -40.96 0.58
C ALA A 259 22.88 -40.72 -0.56
N VAL A 260 23.93 -39.95 -0.29
CA VAL A 260 24.92 -39.66 -1.31
C VAL A 260 25.65 -40.91 -1.80
N SER A 261 26.02 -41.80 -0.89
CA SER A 261 26.74 -43.00 -1.31
C SER A 261 25.82 -43.93 -2.10
N LEU A 262 24.52 -43.78 -1.93
CA LEU A 262 23.58 -44.60 -2.69
C LEU A 262 23.42 -43.96 -4.07
N LEU A 263 23.36 -42.64 -4.09
CA LEU A 263 23.22 -41.88 -5.32
C LEU A 263 24.46 -41.98 -6.20
N GLU A 264 25.60 -42.22 -5.57
CA GLU A 264 26.86 -42.33 -6.29
C GLU A 264 26.96 -43.60 -7.11
N LYS A 265 26.26 -44.64 -6.68
CA LYS A 265 26.33 -45.90 -7.40
C LYS A 265 25.13 -46.16 -8.32
N ALA A 266 24.07 -45.39 -8.14
CA ALA A 266 22.86 -45.58 -8.94
C ALA A 266 23.01 -45.30 -10.43
N ARG A 267 22.08 -45.83 -11.22
CA ARG A 267 22.06 -45.60 -12.66
C ARG A 267 21.05 -44.50 -12.88
N TYR A 268 21.45 -43.44 -13.55
CA TYR A 268 20.56 -42.33 -13.80
C TYR A 268 19.88 -42.44 -15.15
N SER A 269 18.61 -42.10 -15.20
CA SER A 269 17.88 -42.15 -16.46
C SER A 269 16.67 -41.24 -16.39
N VAL A 270 16.33 -40.64 -17.51
CA VAL A 270 15.19 -39.74 -17.59
C VAL A 270 13.88 -40.53 -17.60
N LEU A 271 13.11 -40.41 -16.52
CA LEU A 271 11.84 -41.11 -16.46
C LEU A 271 10.73 -40.34 -17.17
N GLU A 272 10.72 -39.02 -17.00
CA GLU A 272 9.68 -38.21 -17.62
C GLU A 272 10.18 -36.88 -18.18
N ARG A 273 9.65 -36.53 -19.34
CA ARG A 273 9.97 -35.29 -20.03
C ARG A 273 8.67 -34.53 -20.23
N GLU A 274 8.41 -33.56 -19.36
CA GLU A 274 7.19 -32.75 -19.44
C GLU A 274 7.51 -31.41 -20.08
N ASP A 275 7.03 -31.22 -21.31
CA ASP A 275 7.23 -29.97 -22.03
C ASP A 275 5.88 -29.29 -22.15
N LYS A 276 5.70 -28.18 -21.44
CA LYS A 276 4.44 -27.47 -21.48
C LYS A 276 4.55 -25.97 -21.69
N PRO A 277 3.62 -25.40 -22.46
CA PRO A 277 3.64 -23.96 -22.72
C PRO A 277 3.12 -23.26 -21.48
N THR A 278 3.86 -22.28 -20.99
CA THR A 278 3.41 -21.51 -19.82
C THR A 278 3.45 -20.04 -20.21
N THR A 279 2.81 -19.23 -19.39
CA THR A 279 2.75 -17.80 -19.65
C THR A 279 2.90 -17.06 -18.33
N SER A 280 3.27 -15.78 -18.43
CA SER A 280 3.38 -14.95 -17.26
C SER A 280 2.56 -13.75 -17.67
N LYS A 281 1.65 -13.34 -16.80
CA LYS A 281 0.82 -12.19 -17.12
C LYS A 281 1.40 -10.97 -16.46
N PRO A 282 1.09 -9.79 -17.00
CA PRO A 282 1.61 -8.57 -16.39
C PRO A 282 0.74 -8.28 -15.17
N GLY A 283 1.25 -7.50 -14.23
CA GLY A 283 0.44 -7.20 -13.08
C GLY A 283 -0.61 -6.17 -13.44
N ALA A 284 -1.54 -5.93 -12.52
CA ALA A 284 -2.59 -4.96 -12.72
C ALA A 284 -1.97 -3.57 -12.60
N PRO A 285 -2.61 -2.56 -13.17
CA PRO A 285 -2.01 -1.23 -13.03
C PRO A 285 -1.91 -0.94 -11.53
N PHE A 286 -1.05 -0.03 -11.14
CA PHE A 286 -0.86 0.28 -9.72
C PHE A 286 -2.00 0.94 -9.00
N ILE A 287 -2.03 0.67 -7.70
CA ILE A 287 -2.98 1.31 -6.80
C ILE A 287 -2.02 1.82 -5.74
N THR A 288 -2.50 2.55 -4.77
CA THR A 288 -1.61 3.12 -3.78
C THR A 288 -0.66 2.13 -3.11
N SER A 289 -1.21 1.05 -2.58
CA SER A 289 -0.38 0.07 -1.88
C SER A 289 0.62 -0.67 -2.77
N THR A 290 0.22 -1.07 -3.98
CA THR A 290 1.18 -1.77 -4.84
C THR A 290 2.22 -0.81 -5.40
N LEU A 291 1.85 0.46 -5.56
CA LEU A 291 2.80 1.42 -6.07
C LEU A 291 3.92 1.57 -5.05
N GLN A 292 3.54 1.63 -3.77
CA GLN A 292 4.52 1.79 -2.71
C GLN A 292 5.38 0.54 -2.60
N GLN A 293 4.76 -0.63 -2.75
CA GLN A 293 5.48 -1.89 -2.67
C GLN A 293 6.50 -1.99 -3.79
N ALA A 294 6.08 -1.73 -5.03
CA ALA A 294 6.96 -1.81 -6.19
C ALA A 294 8.06 -0.77 -6.14
N ALA A 295 7.71 0.46 -5.77
CA ALA A 295 8.69 1.54 -5.68
C ALA A 295 9.74 1.22 -4.63
N SER A 296 9.34 0.52 -3.58
CA SER A 296 10.27 0.14 -2.52
C SER A 296 11.16 -1.02 -2.93
N THR A 297 10.57 -2.06 -3.49
CA THR A 297 11.33 -3.24 -3.91
C THR A 297 12.23 -2.96 -5.12
N ARG A 298 11.68 -2.34 -6.16
CA ARG A 298 12.47 -2.08 -7.35
C ARG A 298 13.34 -0.82 -7.30
N LEU A 299 12.81 0.28 -6.77
CA LEU A 299 13.57 1.52 -6.73
C LEU A 299 14.17 1.90 -5.37
N GLY A 300 13.94 1.07 -4.36
CA GLY A 300 14.46 1.37 -3.03
C GLY A 300 13.81 2.60 -2.40
N PHE A 301 12.73 3.10 -2.99
CA PHE A 301 12.05 4.29 -2.44
C PHE A 301 11.22 4.01 -1.20
N GLY A 302 11.31 4.92 -0.23
CA GLY A 302 10.55 4.76 0.98
C GLY A 302 9.11 5.17 0.75
N VAL A 303 8.21 4.70 1.59
CA VAL A 303 6.80 5.01 1.47
C VAL A 303 6.52 6.52 1.41
N LYS A 304 7.14 7.29 2.28
CA LYS A 304 6.93 8.74 2.31
C LYS A 304 7.46 9.37 1.02
N LYS A 305 8.65 8.97 0.60
CA LYS A 305 9.25 9.49 -0.62
C LYS A 305 8.34 9.20 -1.81
N THR A 306 7.88 7.96 -1.91
CA THR A 306 7.01 7.56 -3.01
C THR A 306 5.75 8.40 -3.09
N MET A 307 5.05 8.50 -1.96
CA MET A 307 3.81 9.26 -1.92
C MET A 307 4.04 10.74 -2.10
N MET A 308 5.20 11.24 -1.70
CA MET A 308 5.47 12.66 -1.89
C MET A 308 5.69 12.91 -3.39
N MET A 309 6.49 12.06 -4.03
CA MET A 309 6.74 12.24 -5.46
C MET A 309 5.48 11.92 -6.25
N ALA A 310 4.76 10.88 -5.84
CA ALA A 310 3.53 10.55 -6.55
C ALA A 310 2.65 11.80 -6.52
N GLN A 311 2.55 12.43 -5.35
CA GLN A 311 1.72 13.63 -5.22
C GLN A 311 2.14 14.75 -6.17
N ARG A 312 3.44 15.05 -6.21
CA ARG A 312 3.92 16.09 -7.12
C ARG A 312 3.62 15.72 -8.56
N LEU A 313 3.74 14.44 -8.91
CA LEU A 313 3.45 14.02 -10.28
C LEU A 313 1.98 14.25 -10.59
N TYR A 314 1.12 13.96 -9.63
CA TYR A 314 -0.31 14.13 -9.79
C TYR A 314 -0.68 15.61 -9.93
N GLU A 315 -0.12 16.44 -9.06
CA GLU A 315 -0.40 17.87 -9.09
C GLU A 315 0.17 18.55 -10.34
N ALA A 316 1.21 17.97 -10.93
CA ALA A 316 1.80 18.52 -12.14
C ALA A 316 1.04 17.99 -13.35
N GLY A 317 0.00 17.19 -13.07
CA GLY A 317 -0.84 16.63 -14.12
C GLY A 317 -0.27 15.47 -14.91
N TYR A 318 0.77 14.85 -14.38
CA TYR A 318 1.44 13.73 -15.05
C TYR A 318 0.83 12.35 -14.84
N ILE A 319 0.20 12.14 -13.69
CA ILE A 319 -0.44 10.87 -13.37
C ILE A 319 -1.79 11.08 -12.71
N THR A 320 -2.58 10.03 -12.63
CA THR A 320 -3.89 10.10 -12.00
C THR A 320 -3.70 10.19 -10.50
N TYR A 321 -4.78 10.44 -9.77
CA TYR A 321 -4.74 10.58 -8.31
C TYR A 321 -4.03 9.38 -7.70
N MET A 322 -3.10 9.65 -6.78
CA MET A 322 -2.31 8.57 -6.19
C MET A 322 -2.83 7.90 -4.93
N ARG A 323 -4.06 8.20 -4.54
CA ARG A 323 -4.69 7.60 -3.37
C ARG A 323 -5.90 6.81 -3.87
N THR A 324 -5.68 5.54 -4.18
CA THR A 324 -6.73 4.72 -4.73
C THR A 324 -6.46 3.25 -4.42
N ASP A 325 -7.49 2.44 -4.50
CA ASP A 325 -7.33 1.01 -4.30
C ASP A 325 -8.13 0.32 -5.40
N SER A 326 -8.35 1.08 -6.47
CA SER A 326 -9.06 0.63 -7.65
C SER A 326 -8.09 0.37 -8.80
N THR A 327 -8.22 -0.78 -9.46
CA THR A 327 -7.35 -1.10 -10.59
C THR A 327 -8.06 -0.80 -11.90
N ASN A 328 -9.16 -0.06 -11.81
CA ASN A 328 -9.93 0.30 -12.98
C ASN A 328 -9.16 1.30 -13.86
N LEU A 329 -9.41 1.21 -15.16
CA LEU A 329 -8.78 2.10 -16.13
C LEU A 329 -9.91 2.60 -17.01
N SER A 330 -9.93 3.88 -17.33
CA SER A 330 -10.99 4.42 -18.16
C SER A 330 -10.80 3.90 -19.59
N GLN A 331 -11.88 3.88 -20.35
CA GLN A 331 -11.82 3.40 -21.74
C GLN A 331 -10.88 4.29 -22.55
N ASP A 332 -10.91 5.60 -22.28
CA ASP A 332 -10.04 6.52 -22.99
C ASP A 332 -8.59 6.18 -22.66
N ALA A 333 -8.30 5.93 -21.39
CA ALA A 333 -6.94 5.58 -20.96
C ALA A 333 -6.52 4.29 -21.63
N VAL A 334 -7.42 3.31 -21.63
CA VAL A 334 -7.12 2.02 -22.23
C VAL A 334 -6.92 2.16 -23.72
N ASN A 335 -7.76 2.93 -24.37
CA ASN A 335 -7.62 3.09 -25.80
C ASN A 335 -6.37 3.87 -26.16
N MET A 336 -5.95 4.81 -25.31
CA MET A 336 -4.75 5.56 -25.62
C MET A 336 -3.52 4.65 -25.47
N VAL A 337 -3.53 3.77 -24.47
CA VAL A 337 -2.38 2.87 -24.27
C VAL A 337 -2.32 1.79 -25.34
N ARG A 338 -3.47 1.28 -25.76
CA ARG A 338 -3.49 0.26 -26.81
C ARG A 338 -2.96 0.84 -28.11
N GLY A 339 -3.23 2.12 -28.31
CA GLY A 339 -2.72 2.79 -29.51
C GLY A 339 -1.21 2.88 -29.42
N TYR A 340 -0.70 3.16 -28.22
CA TYR A 340 0.74 3.25 -28.02
C TYR A 340 1.36 1.88 -28.27
N ILE A 341 0.76 0.83 -27.72
CA ILE A 341 1.28 -0.52 -27.87
C ILE A 341 1.31 -0.95 -29.33
N SER A 342 0.23 -0.70 -30.07
CA SER A 342 0.18 -1.04 -31.50
C SER A 342 1.28 -0.32 -32.28
N ASP A 343 1.38 0.98 -32.07
CA ASP A 343 2.36 1.81 -32.76
C ASP A 343 3.81 1.53 -32.40
N ASN A 344 4.05 1.32 -31.11
CA ASN A 344 5.40 1.14 -30.61
C ASN A 344 5.90 -0.26 -30.34
N PHE A 345 5.00 -1.24 -30.30
CA PHE A 345 5.44 -2.60 -30.06
C PHE A 345 4.93 -3.57 -31.12
N GLY A 346 3.72 -3.35 -31.62
CA GLY A 346 3.23 -4.23 -32.67
C GLY A 346 2.02 -5.05 -32.28
N LYS A 347 1.38 -5.65 -33.29
CA LYS A 347 0.19 -6.45 -33.09
C LYS A 347 0.31 -7.62 -32.13
N LYS A 348 1.44 -8.33 -32.13
CA LYS A 348 1.53 -9.47 -31.23
C LYS A 348 1.55 -9.08 -29.76
N TYR A 349 1.79 -7.81 -29.46
CA TYR A 349 1.81 -7.36 -28.07
C TYR A 349 0.46 -6.80 -27.67
N LEU A 350 -0.43 -6.69 -28.63
CA LEU A 350 -1.75 -6.15 -28.38
C LEU A 350 -2.75 -7.29 -28.17
N PRO A 351 -3.37 -7.35 -26.98
CA PRO A 351 -4.35 -8.42 -26.72
C PRO A 351 -5.58 -8.19 -27.59
N GLU A 352 -6.33 -9.26 -27.82
CA GLU A 352 -7.54 -9.15 -28.64
C GLU A 352 -8.41 -8.06 -28.05
N SER A 353 -8.70 -8.21 -26.77
CA SER A 353 -9.53 -7.26 -26.04
C SER A 353 -8.73 -6.65 -24.89
N PRO A 354 -9.11 -5.45 -24.46
CA PRO A 354 -8.41 -4.79 -23.35
C PRO A 354 -8.46 -5.60 -22.06
N ASN A 355 -7.37 -5.61 -21.31
CA ASN A 355 -7.36 -6.32 -20.04
C ASN A 355 -8.10 -5.46 -19.01
N GLN A 356 -8.96 -6.10 -18.21
CA GLN A 356 -9.72 -5.37 -17.19
C GLN A 356 -9.34 -6.00 -15.85
N TYR A 357 -9.04 -5.16 -14.87
CA TYR A 357 -8.62 -5.66 -13.55
C TYR A 357 -9.63 -5.39 -12.43
N ALA A 358 -9.92 -6.44 -11.66
CA ALA A 358 -10.85 -6.39 -10.53
C ALA A 358 -12.15 -5.63 -10.82
N ALA A 366 -16.52 5.76 -9.90
CA ALA A 366 -15.52 4.87 -10.48
C ALA A 366 -14.13 5.50 -10.42
N HIS A 367 -13.36 5.15 -9.41
CA HIS A 367 -12.01 5.68 -9.26
C HIS A 367 -11.12 5.02 -10.29
N GLU A 368 -9.84 5.37 -10.29
CA GLU A 368 -8.92 4.78 -11.25
C GLU A 368 -7.59 4.34 -10.68
N ALA A 369 -6.89 3.53 -11.46
CA ALA A 369 -5.58 3.04 -11.07
C ALA A 369 -4.61 4.19 -11.20
N ILE A 370 -3.42 4.03 -10.66
CA ILE A 370 -2.42 5.06 -10.77
C ILE A 370 -1.80 4.77 -12.10
N ARG A 371 -1.95 5.69 -13.03
CA ARG A 371 -1.40 5.51 -14.35
C ARG A 371 -0.99 6.87 -14.85
N PRO A 372 -0.23 6.92 -15.94
CA PRO A 372 0.16 8.23 -16.44
C PRO A 372 -1.08 8.88 -17.04
N SER A 373 -1.12 10.20 -17.04
CA SER A 373 -2.25 10.91 -17.63
C SER A 373 -2.18 10.83 -19.14
N ASP A 374 -0.97 10.72 -19.67
CA ASP A 374 -0.80 10.64 -21.12
C ASP A 374 0.34 9.70 -21.37
N VAL A 375 0.05 8.55 -21.95
CA VAL A 375 1.07 7.55 -22.24
C VAL A 375 2.19 8.04 -23.16
N ASN A 376 1.91 9.11 -23.90
CA ASN A 376 2.91 9.64 -24.84
C ASN A 376 3.91 10.55 -24.17
N VAL A 377 3.73 10.76 -22.87
CA VAL A 377 4.64 11.58 -22.10
C VAL A 377 5.60 10.61 -21.42
N MET A 378 6.86 10.67 -21.81
CA MET A 378 7.87 9.78 -21.27
C MET A 378 8.48 10.36 -20.02
N ALA A 379 9.04 9.47 -19.19
CA ALA A 379 9.67 9.86 -17.94
C ALA A 379 10.73 10.92 -18.21
N GLU A 380 11.38 10.82 -19.36
CA GLU A 380 12.42 11.77 -19.74
C GLU A 380 11.89 13.15 -20.09
N SER A 381 10.62 13.24 -20.47
CA SER A 381 10.05 14.54 -20.86
C SER A 381 9.36 15.30 -19.72
N LEU A 382 9.41 14.78 -18.50
CA LEU A 382 8.74 15.46 -17.40
C LEU A 382 9.41 16.76 -17.02
N LYS A 383 8.62 17.82 -16.93
CA LYS A 383 9.14 19.13 -16.57
C LYS A 383 9.15 19.31 -15.05
N ASP A 384 10.22 19.92 -14.56
CA ASP A 384 10.42 20.19 -13.13
C ASP A 384 10.19 19.03 -12.18
N MET A 385 10.70 17.86 -12.54
CA MET A 385 10.59 16.68 -11.68
C MET A 385 12.01 16.15 -11.50
N GLU A 386 12.46 15.99 -10.26
CA GLU A 386 13.81 15.47 -10.07
C GLU A 386 13.89 14.03 -10.55
N ALA A 387 15.13 13.54 -10.70
CA ALA A 387 15.39 12.20 -11.17
C ALA A 387 14.50 11.11 -10.57
N ASP A 388 14.44 11.04 -9.25
CA ASP A 388 13.65 10.02 -8.58
C ASP A 388 12.16 10.09 -8.90
N ALA A 389 11.62 11.28 -9.13
CA ALA A 389 10.21 11.43 -9.46
C ALA A 389 9.99 10.93 -10.89
N GLN A 390 11.01 11.06 -11.73
CA GLN A 390 10.90 10.58 -13.10
C GLN A 390 10.92 9.05 -13.05
N LYS A 391 11.75 8.51 -12.16
CA LYS A 391 11.86 7.06 -11.99
C LYS A 391 10.54 6.47 -11.49
N LEU A 392 9.85 7.20 -10.63
CA LEU A 392 8.57 6.72 -10.11
C LEU A 392 7.56 6.77 -11.25
N TYR A 393 7.63 7.82 -12.05
CA TYR A 393 6.74 7.96 -13.19
C TYR A 393 7.01 6.79 -14.14
N GLN A 394 8.29 6.54 -14.40
CA GLN A 394 8.68 5.45 -15.29
C GLN A 394 8.14 4.13 -14.79
N LEU A 395 8.21 3.91 -13.49
CA LEU A 395 7.70 2.68 -12.89
C LEU A 395 6.21 2.57 -13.17
N ILE A 396 5.50 3.66 -12.95
CA ILE A 396 4.06 3.76 -13.15
C ILE A 396 3.68 3.60 -14.61
N TRP A 397 4.50 4.18 -15.48
CA TRP A 397 4.25 4.16 -16.91
C TRP A 397 4.38 2.75 -17.47
N ARG A 398 5.49 2.09 -17.17
CA ARG A 398 5.72 0.74 -17.66
C ARG A 398 4.69 -0.25 -17.15
N GLN A 399 4.29 -0.11 -15.89
CA GLN A 399 3.30 -1.00 -15.29
C GLN A 399 1.99 -0.82 -16.04
N PHE A 400 1.64 0.43 -16.31
CA PHE A 400 0.42 0.76 -17.03
C PHE A 400 0.44 0.19 -18.44
N VAL A 401 1.54 0.42 -19.15
CA VAL A 401 1.67 -0.08 -20.51
C VAL A 401 1.69 -1.61 -20.51
N ALA A 402 2.50 -2.18 -19.63
CA ALA A 402 2.61 -3.63 -19.53
C ALA A 402 1.26 -4.27 -19.23
N CYS A 403 0.46 -3.65 -18.37
CA CYS A 403 -0.82 -4.25 -18.01
C CYS A 403 -1.77 -4.42 -19.19
N GLN A 404 -1.54 -3.71 -20.28
CA GLN A 404 -2.40 -3.82 -21.44
C GLN A 404 -1.71 -4.58 -22.57
N MET A 405 -0.61 -5.24 -22.27
CA MET A 405 0.11 -6.00 -23.27
C MET A 405 -0.14 -7.49 -23.11
N THR A 406 0.15 -8.25 -24.16
CA THR A 406 -0.07 -9.68 -24.15
C THR A 406 0.86 -10.38 -23.18
N PRO A 407 0.51 -11.61 -22.79
CA PRO A 407 1.31 -12.43 -21.85
C PRO A 407 2.62 -12.86 -22.48
N ALA A 408 3.62 -13.08 -21.64
CA ALA A 408 4.90 -13.58 -22.13
C ALA A 408 4.68 -15.08 -22.29
N LYS A 409 5.27 -15.67 -23.32
CA LYS A 409 5.10 -17.11 -23.52
C LYS A 409 6.43 -17.84 -23.34
N TYR A 410 6.40 -18.92 -22.56
CA TYR A 410 7.60 -19.70 -22.33
C TYR A 410 7.35 -21.16 -22.60
N ASP A 411 8.40 -21.88 -22.97
CA ASP A 411 8.28 -23.31 -23.16
C ASP A 411 8.99 -23.90 -21.95
N SER A 412 8.20 -24.33 -20.97
CA SER A 412 8.74 -24.91 -19.74
C SER A 412 9.00 -26.40 -19.89
N THR A 413 10.11 -26.84 -19.32
CA THR A 413 10.48 -28.24 -19.38
C THR A 413 10.77 -28.76 -17.98
N THR A 414 10.26 -29.95 -17.68
CA THR A 414 10.50 -30.57 -16.39
C THR A 414 11.02 -31.98 -16.62
N LEU A 415 12.21 -32.26 -16.13
CA LEU A 415 12.79 -33.57 -16.28
C LEU A 415 12.75 -34.27 -14.95
N THR A 416 12.19 -35.46 -14.94
CA THR A 416 12.15 -36.25 -13.73
C THR A 416 13.14 -37.36 -14.00
N VAL A 417 14.19 -37.44 -13.20
CA VAL A 417 15.20 -38.46 -13.39
C VAL A 417 15.10 -39.52 -12.31
N GLY A 418 15.28 -40.77 -12.72
CA GLY A 418 15.22 -41.86 -11.78
C GLY A 418 16.64 -42.34 -11.56
N ALA A 419 17.03 -42.46 -10.30
CA ALA A 419 18.35 -42.93 -9.93
C ALA A 419 18.13 -43.94 -8.82
N GLY A 420 18.05 -45.21 -9.19
CA GLY A 420 17.81 -46.24 -8.20
C GLY A 420 16.52 -45.92 -7.48
N ASP A 421 16.58 -45.82 -6.16
CA ASP A 421 15.42 -45.51 -5.36
C ASP A 421 15.13 -44.00 -5.30
N PHE A 422 15.95 -43.19 -5.96
CA PHE A 422 15.75 -41.74 -5.95
C PHE A 422 15.12 -41.17 -7.19
N ARG A 423 14.51 -40.01 -7.02
CA ARG A 423 13.88 -39.30 -8.12
C ARG A 423 14.53 -37.91 -8.09
N LEU A 424 14.97 -37.42 -9.24
CA LEU A 424 15.60 -36.10 -9.30
C LEU A 424 14.84 -35.22 -10.27
N LYS A 425 14.98 -33.92 -10.09
CA LYS A 425 14.25 -32.98 -10.93
C LYS A 425 15.12 -31.90 -11.55
N ALA A 426 14.80 -31.59 -12.80
CA ALA A 426 15.48 -30.54 -13.53
C ALA A 426 14.33 -29.72 -14.14
N ARG A 427 14.34 -28.42 -13.85
CA ARG A 427 13.31 -27.53 -14.38
C ARG A 427 14.00 -26.54 -15.29
N GLY A 428 13.44 -26.35 -16.48
CA GLY A 428 14.02 -25.44 -17.43
C GLY A 428 12.97 -24.52 -18.05
N ARG A 429 13.42 -23.46 -18.69
CA ARG A 429 12.50 -22.53 -19.30
C ARG A 429 13.16 -21.69 -20.38
N ILE A 430 12.45 -21.50 -21.48
CA ILE A 430 12.97 -20.70 -22.57
C ILE A 430 11.89 -19.75 -23.04
N LEU A 431 12.25 -18.47 -23.13
CA LEU A 431 11.33 -17.42 -23.57
C LEU A 431 10.98 -17.62 -25.04
N ARG A 432 9.68 -17.76 -25.31
CA ARG A 432 9.18 -17.95 -26.66
C ARG A 432 8.68 -16.61 -27.23
N PHE A 433 8.12 -15.78 -26.38
CA PHE A 433 7.62 -14.48 -26.79
C PHE A 433 7.60 -13.57 -25.55
N ASP A 434 8.35 -12.47 -25.60
CA ASP A 434 8.44 -11.60 -24.44
C ASP A 434 7.17 -10.90 -23.99
N GLY A 435 6.23 -10.68 -24.90
CA GLY A 435 5.01 -10.01 -24.52
C GLY A 435 5.27 -8.77 -23.66
N TRP A 436 4.50 -8.63 -22.59
CA TRP A 436 4.62 -7.48 -21.70
C TRP A 436 6.02 -7.18 -21.16
N THR A 437 6.89 -8.19 -21.06
CA THR A 437 8.21 -7.92 -20.52
C THR A 437 9.02 -7.04 -21.48
N LYS A 438 8.53 -6.87 -22.70
CA LYS A 438 9.23 -6.03 -23.67
C LYS A 438 9.35 -4.59 -23.15
N VAL A 439 8.39 -4.13 -22.34
CA VAL A 439 8.46 -2.76 -21.81
C VAL A 439 9.31 -2.66 -20.55
N MET A 440 9.74 -3.81 -20.03
CA MET A 440 10.59 -3.84 -18.85
C MET A 440 12.05 -3.87 -19.33
N PRO A 441 12.99 -3.38 -18.50
CA PRO A 441 14.40 -3.39 -18.92
C PRO A 441 14.88 -4.73 -19.44
N ALA A 442 15.92 -4.70 -20.26
CA ALA A 442 16.49 -5.91 -20.83
C ALA A 442 17.05 -6.80 -19.72
N LEU A 443 16.84 -8.11 -19.84
CA LEU A 443 17.32 -9.07 -18.84
C LEU A 443 18.85 -9.09 -18.78
N ARG A 450 18.02 -20.49 -17.57
CA ARG A 450 18.43 -21.88 -17.43
C ARG A 450 18.02 -22.67 -18.67
N ILE A 451 18.99 -23.11 -19.45
CA ILE A 451 18.69 -23.86 -20.66
C ILE A 451 18.99 -25.35 -20.48
N LEU A 452 17.95 -26.15 -20.32
CA LEU A 452 18.09 -27.59 -20.14
C LEU A 452 18.46 -28.26 -21.44
N PRO A 453 19.45 -29.17 -21.40
CA PRO A 453 19.87 -29.88 -22.60
C PRO A 453 18.77 -30.80 -23.13
N ALA A 454 18.84 -31.14 -24.40
CA ALA A 454 17.85 -32.00 -25.02
C ALA A 454 18.00 -33.44 -24.57
N VAL A 455 16.95 -33.97 -23.94
CA VAL A 455 16.96 -35.35 -23.48
C VAL A 455 15.58 -35.95 -23.71
N ASN A 456 15.58 -37.23 -24.07
CA ASN A 456 14.35 -37.96 -24.34
C ASN A 456 14.08 -38.85 -23.13
N LYS A 457 12.81 -39.15 -22.88
CA LYS A 457 12.51 -40.00 -21.76
C LYS A 457 13.20 -41.34 -22.05
N GLY A 458 13.77 -41.94 -21.00
CA GLY A 458 14.45 -43.21 -21.18
C GLY A 458 15.95 -43.08 -21.32
N ASP A 459 16.41 -41.89 -21.68
CA ASP A 459 17.84 -41.67 -21.85
C ASP A 459 18.63 -41.89 -20.57
N ALA A 460 19.81 -42.48 -20.74
CA ALA A 460 20.70 -42.75 -19.62
C ALA A 460 21.53 -41.52 -19.35
N LEU A 461 21.69 -41.18 -18.07
CA LEU A 461 22.47 -40.02 -17.71
C LEU A 461 23.72 -40.51 -16.99
N THR A 462 24.82 -39.80 -17.15
CA THR A 462 26.07 -40.17 -16.49
C THR A 462 26.29 -39.23 -15.31
N LEU A 463 26.50 -39.79 -14.12
CA LEU A 463 26.75 -38.97 -12.94
C LEU A 463 28.14 -38.38 -13.00
N VAL A 464 28.26 -37.09 -12.73
CA VAL A 464 29.56 -36.44 -12.75
C VAL A 464 29.96 -36.09 -11.33
N GLU A 465 29.00 -35.54 -10.59
CA GLU A 465 29.28 -35.15 -9.22
C GLU A 465 28.01 -34.97 -8.42
N LEU A 466 28.10 -35.20 -7.12
CA LEU A 466 26.98 -35.04 -6.21
C LEU A 466 27.39 -33.95 -5.25
N THR A 467 26.47 -33.04 -4.96
CA THR A 467 26.78 -31.94 -4.06
C THR A 467 25.76 -31.79 -2.92
N PRO A 468 26.15 -32.22 -1.71
CA PRO A 468 25.28 -32.12 -0.54
C PRO A 468 25.41 -30.68 -0.03
N ALA A 469 24.31 -30.09 0.40
CA ALA A 469 24.37 -28.72 0.89
C ALA A 469 23.54 -28.57 2.16
N GLN A 470 24.15 -27.97 3.18
CA GLN A 470 23.45 -27.76 4.44
C GLN A 470 22.66 -26.46 4.34
N HIS A 471 21.41 -26.52 4.75
CA HIS A 471 20.54 -25.35 4.76
C HIS A 471 19.92 -25.28 6.14
N PHE A 472 19.30 -24.15 6.43
CA PHE A 472 18.63 -23.97 7.69
C PHE A 472 17.39 -23.12 7.45
N THR A 473 16.27 -23.55 8.03
CA THR A 473 15.03 -22.81 7.87
C THR A 473 15.26 -21.38 8.32
N LYS A 474 14.75 -20.43 7.55
CA LYS A 474 14.90 -19.02 7.87
C LYS A 474 13.68 -18.50 8.64
N PRO A 475 13.90 -17.67 9.66
CA PRO A 475 12.79 -17.14 10.44
C PRO A 475 11.98 -16.20 9.56
N PRO A 476 10.75 -15.86 9.97
CA PRO A 476 9.92 -14.97 9.17
C PRO A 476 10.69 -13.70 8.81
N ALA A 477 10.51 -13.23 7.58
CA ALA A 477 11.20 -12.02 7.16
C ALA A 477 10.66 -10.86 7.99
N ARG A 478 11.48 -9.82 8.16
CA ARG A 478 11.06 -8.64 8.91
C ARG A 478 10.21 -7.77 8.00
N PHE A 479 9.26 -7.04 8.58
CA PHE A 479 8.43 -6.18 7.76
C PHE A 479 9.33 -5.15 7.09
N SER A 480 8.97 -4.80 5.86
CA SER A 480 9.72 -3.83 5.10
C SER A 480 8.82 -2.64 4.94
N GLU A 481 9.31 -1.65 4.21
CA GLU A 481 8.53 -0.46 3.95
C GLU A 481 7.27 -0.95 3.24
N ALA A 482 7.48 -1.82 2.27
CA ALA A 482 6.43 -2.38 1.44
C ALA A 482 5.55 -3.40 2.14
N SER A 483 6.13 -4.55 2.47
CA SER A 483 5.41 -5.64 3.10
C SER A 483 4.49 -5.26 4.27
N LEU A 484 4.78 -4.13 4.94
CA LEU A 484 3.93 -3.74 6.06
C LEU A 484 2.64 -3.12 5.55
N VAL A 485 2.76 -2.24 4.56
CA VAL A 485 1.59 -1.61 3.98
C VAL A 485 0.77 -2.75 3.41
N LYS A 486 1.47 -3.70 2.77
CA LYS A 486 0.82 -4.85 2.17
C LYS A 486 0.05 -5.62 3.25
N GLU A 487 0.70 -5.82 4.39
CA GLU A 487 0.06 -6.54 5.49
C GLU A 487 -1.13 -5.72 5.98
N LEU A 488 -0.97 -4.41 6.04
CA LEU A 488 -2.07 -3.56 6.48
C LEU A 488 -3.21 -3.59 5.47
N GLU A 489 -2.87 -3.60 4.18
CA GLU A 489 -3.87 -3.65 3.12
C GLU A 489 -4.61 -4.98 3.22
N LYS A 490 -3.83 -6.05 3.33
CA LYS A 490 -4.36 -7.40 3.44
C LYS A 490 -5.35 -7.57 4.60
N ARG A 491 -5.03 -6.98 5.74
CA ARG A 491 -5.90 -7.09 6.91
C ARG A 491 -7.02 -6.05 6.90
N GLY A 492 -7.09 -5.26 5.84
CA GLY A 492 -8.12 -4.25 5.73
C GLY A 492 -8.00 -3.16 6.77
N ILE A 493 -6.79 -2.95 7.27
CA ILE A 493 -6.53 -1.95 8.30
C ILE A 493 -6.20 -0.58 7.77
N GLY A 494 -5.23 -0.52 6.86
CA GLY A 494 -4.84 0.78 6.31
C GLY A 494 -5.94 1.44 5.49
N ARG A 495 -5.51 2.17 4.47
CA ARG A 495 -6.40 2.87 3.55
C ARG A 495 -5.47 3.68 2.69
N PRO A 496 -5.68 3.65 1.37
CA PRO A 496 -4.83 4.40 0.43
C PRO A 496 -4.24 5.67 1.00
N SER A 497 -5.08 6.50 1.57
CA SER A 497 -4.67 7.78 2.12
C SER A 497 -4.21 7.78 3.57
N THR A 498 -3.95 6.61 4.13
CA THR A 498 -3.49 6.53 5.51
C THR A 498 -2.25 5.67 5.63
N TYR A 499 -2.02 4.80 4.63
CA TYR A 499 -0.85 3.92 4.65
C TYR A 499 0.43 4.69 4.97
N ALA A 500 0.73 5.69 4.15
CA ALA A 500 1.93 6.50 4.32
C ALA A 500 1.98 7.14 5.69
N SER A 501 0.88 7.76 6.11
CA SER A 501 0.82 8.42 7.40
C SER A 501 1.06 7.43 8.53
N ILE A 502 0.43 6.27 8.45
CA ILE A 502 0.59 5.24 9.47
C ILE A 502 2.05 4.79 9.56
N ILE A 503 2.68 4.57 8.41
CA ILE A 503 4.07 4.14 8.37
C ILE A 503 5.01 5.17 9.00
N SER A 504 4.74 6.44 8.79
CA SER A 504 5.59 7.50 9.34
C SER A 504 5.31 7.74 10.82
N THR A 505 4.04 7.73 11.20
CA THR A 505 3.65 7.97 12.59
C THR A 505 4.23 6.98 13.60
N ILE A 506 4.29 5.70 13.24
CA ILE A 506 4.81 4.69 14.16
C ILE A 506 6.34 4.68 14.28
N GLN A 507 6.99 5.55 13.52
CA GLN A 507 8.46 5.59 13.54
C GLN A 507 9.13 6.62 14.43
N ASP A 508 8.67 7.86 14.38
CA ASP A 508 9.29 8.90 15.18
C ASP A 508 8.83 8.94 16.63
N ARG A 509 8.18 7.88 17.09
CA ARG A 509 7.69 7.85 18.46
C ARG A 509 8.22 6.71 19.32
N GLY A 510 9.38 6.18 18.92
CA GLY A 510 10.05 5.13 19.66
C GLY A 510 9.41 3.77 19.84
N TYR A 511 8.61 3.32 18.86
CA TYR A 511 7.96 2.02 18.97
C TYR A 511 8.63 1.02 18.06
N VAL A 512 8.93 1.45 16.84
CA VAL A 512 9.59 0.61 15.87
C VAL A 512 10.58 1.49 15.13
N ARG A 513 11.61 0.89 14.56
CA ARG A 513 12.59 1.65 13.82
C ARG A 513 12.94 0.89 12.55
N VAL A 514 13.22 1.63 11.49
CA VAL A 514 13.58 1.01 10.22
C VAL A 514 15.09 0.96 10.14
N GLU A 515 15.62 -0.25 10.03
CA GLU A 515 17.05 -0.46 9.94
C GLU A 515 17.34 -1.39 8.77
N ASN A 516 18.17 -0.92 7.83
CA ASN A 516 18.50 -1.74 6.67
C ASN A 516 17.19 -1.94 5.88
N ARG A 517 16.42 -0.86 5.81
CA ARG A 517 15.14 -0.84 5.11
C ARG A 517 14.20 -1.91 5.66
N ARG A 518 14.33 -2.18 6.95
CA ARG A 518 13.51 -3.19 7.61
C ARG A 518 13.04 -2.72 8.98
N PHE A 519 11.87 -3.18 9.40
CA PHE A 519 11.32 -2.79 10.69
C PHE A 519 11.82 -3.61 11.88
N TYR A 520 12.09 -2.92 12.97
CA TYR A 520 12.51 -3.54 14.22
C TYR A 520 11.63 -2.95 15.30
N ALA A 521 11.05 -3.80 16.14
CA ALA A 521 10.21 -3.30 17.20
C ALA A 521 11.10 -2.90 18.37
N GLU A 522 10.88 -1.71 18.90
CA GLU A 522 11.66 -1.25 20.04
C GLU A 522 11.05 -1.84 21.30
N LYS A 523 11.84 -1.85 22.37
CA LYS A 523 11.38 -2.38 23.64
C LYS A 523 10.11 -1.63 24.02
N MET A 524 10.10 -0.32 23.83
CA MET A 524 8.95 0.49 24.16
C MET A 524 7.76 0.12 23.32
N GLY A 525 8.00 -0.32 22.09
CA GLY A 525 6.89 -0.73 21.23
C GLY A 525 6.24 -1.98 21.81
N GLU A 526 7.06 -2.90 22.32
CA GLU A 526 6.52 -4.12 22.89
C GLU A 526 5.84 -3.84 24.23
N ILE A 527 6.45 -2.95 25.01
CA ILE A 527 5.90 -2.59 26.30
C ILE A 527 4.54 -1.95 26.16
N VAL A 528 4.40 -1.01 25.22
CA VAL A 528 3.14 -0.34 25.01
C VAL A 528 2.13 -1.31 24.39
N THR A 529 2.55 -2.07 23.38
CA THR A 529 1.67 -3.03 22.74
C THR A 529 1.11 -4.06 23.71
N ASP A 530 1.91 -4.50 24.69
CA ASP A 530 1.40 -5.46 25.65
C ASP A 530 0.37 -4.75 26.52
N ARG A 531 0.66 -3.52 26.95
CA ARG A 531 -0.28 -2.78 27.78
C ARG A 531 -1.60 -2.58 27.03
N LEU A 532 -1.52 -2.14 25.78
CA LEU A 532 -2.73 -1.92 24.98
C LEU A 532 -3.51 -3.22 24.69
N GLU A 533 -2.82 -4.32 24.40
CA GLU A 533 -3.51 -5.58 24.13
C GLU A 533 -4.22 -6.09 25.38
N GLU A 534 -3.64 -5.82 26.54
CA GLU A 534 -4.23 -6.26 27.80
C GLU A 534 -5.44 -5.43 28.23
N ASN A 535 -5.37 -4.12 28.04
CA ASN A 535 -6.44 -3.23 28.46
C ASN A 535 -7.28 -2.56 27.41
N PHE A 536 -6.86 -2.67 26.15
CA PHE A 536 -7.61 -2.10 25.05
C PHE A 536 -7.68 -3.14 23.97
N ARG A 537 -8.08 -4.35 24.36
CA ARG A 537 -8.14 -5.46 23.40
C ARG A 537 -8.94 -5.15 22.16
N GLU A 538 -10.14 -4.62 22.35
CA GLU A 538 -11.01 -4.28 21.23
C GLU A 538 -10.33 -3.27 20.31
N LEU A 539 -9.66 -2.28 20.90
CA LEU A 539 -8.98 -1.27 20.11
C LEU A 539 -7.78 -1.84 19.35
N MET A 540 -7.14 -2.85 19.93
CA MET A 540 -5.96 -3.46 19.32
C MET A 540 -6.29 -4.60 18.36
N ASN A 541 -7.53 -5.10 18.41
CA ASN A 541 -7.96 -6.20 17.58
C ASN A 541 -7.96 -5.83 16.08
N TYR A 542 -7.28 -6.63 15.27
CA TYR A 542 -7.20 -6.38 13.82
C TYR A 542 -8.57 -6.34 13.15
N ASP A 543 -9.40 -7.34 13.41
CA ASP A 543 -10.72 -7.38 12.82
C ASP A 543 -11.58 -6.18 13.21
N PHE A 544 -11.59 -5.83 14.49
CA PHE A 544 -12.39 -4.69 14.94
C PHE A 544 -11.90 -3.42 14.28
N THR A 545 -10.60 -3.35 14.00
CA THR A 545 -10.01 -2.18 13.37
C THR A 545 -10.39 -2.15 11.90
N ALA A 546 -10.40 -3.31 11.27
CA ALA A 546 -10.78 -3.37 9.85
C ALA A 546 -12.26 -3.04 9.77
N GLN A 547 -13.02 -3.52 10.75
CA GLN A 547 -14.46 -3.26 10.77
C GLN A 547 -14.77 -1.77 10.89
N MET A 548 -13.93 -1.02 11.60
CA MET A 548 -14.15 0.40 11.76
C MET A 548 -14.02 1.10 10.41
N GLU A 549 -13.10 0.62 9.58
CA GLU A 549 -12.93 1.19 8.25
C GLU A 549 -14.23 0.94 7.48
N ASN A 550 -14.81 -0.24 7.68
CA ASN A 550 -16.06 -0.56 7.00
C ASN A 550 -17.13 0.39 7.52
N SER A 551 -17.12 0.62 8.83
CA SER A 551 -18.10 1.50 9.43
C SER A 551 -17.95 2.94 8.95
N LEU A 552 -16.73 3.40 8.73
CA LEU A 552 -16.55 4.75 8.22
C LEU A 552 -17.04 4.79 6.77
N ASP A 553 -16.90 3.67 6.06
CA ASP A 553 -17.39 3.60 4.69
C ASP A 553 -18.91 3.57 4.67
N GLN A 554 -19.50 2.97 5.70
CA GLN A 554 -20.96 2.93 5.79
C GLN A 554 -21.44 4.38 5.96
N VAL A 555 -20.73 5.16 6.78
CA VAL A 555 -21.10 6.56 6.96
C VAL A 555 -20.98 7.32 5.62
N ALA A 556 -19.87 7.10 4.92
CA ALA A 556 -19.64 7.77 3.65
C ALA A 556 -20.70 7.43 2.62
N ASN A 557 -21.32 6.27 2.76
CA ASN A 557 -22.35 5.84 1.81
C ASN A 557 -23.76 5.92 2.35
N HIS A 558 -23.95 6.76 3.36
CA HIS A 558 -25.25 6.99 3.96
C HIS A 558 -25.91 5.69 4.43
N GLU A 559 -25.11 4.77 4.95
CA GLU A 559 -25.64 3.51 5.45
C GLU A 559 -25.53 3.51 6.98
N ALA A 560 -25.02 4.62 7.51
CA ALA A 560 -24.85 4.79 8.94
C ALA A 560 -24.75 6.29 9.17
N GLU A 561 -25.01 6.71 10.40
CA GLU A 561 -24.95 8.13 10.76
C GLU A 561 -23.67 8.34 11.59
N TRP A 562 -22.87 9.33 11.22
CA TRP A 562 -21.59 9.50 11.90
C TRP A 562 -21.58 9.63 13.41
N LYS A 563 -22.46 10.44 13.99
CA LYS A 563 -22.46 10.59 15.44
C LYS A 563 -22.82 9.30 16.16
N ALA A 564 -23.70 8.50 15.56
CA ALA A 564 -24.11 7.23 16.15
C ALA A 564 -22.94 6.27 16.09
N VAL A 565 -22.17 6.36 15.00
CA VAL A 565 -21.00 5.51 14.84
C VAL A 565 -19.94 5.95 15.86
N LEU A 566 -19.81 7.26 16.04
CA LEU A 566 -18.86 7.78 17.01
C LEU A 566 -19.28 7.43 18.44
N ASP A 567 -20.59 7.41 18.70
CA ASP A 567 -21.10 7.07 20.04
C ASP A 567 -20.80 5.61 20.36
N HIS A 568 -21.03 4.75 19.39
CA HIS A 568 -20.77 3.34 19.60
C HIS A 568 -19.28 3.12 19.84
N PHE A 569 -18.46 3.81 19.06
CA PHE A 569 -17.01 3.70 19.22
C PHE A 569 -16.60 4.23 20.59
N PHE A 570 -17.15 5.38 20.98
CA PHE A 570 -16.80 5.99 22.26
C PHE A 570 -17.27 5.15 23.45
N SER A 571 -18.42 4.52 23.30
CA SER A 571 -18.97 3.68 24.36
C SER A 571 -17.98 2.53 24.61
N ASP A 572 -17.60 1.83 23.54
CA ASP A 572 -16.65 0.73 23.67
C ASP A 572 -15.33 1.27 24.20
N PHE A 573 -14.89 2.38 23.64
CA PHE A 573 -13.64 2.99 24.05
C PHE A 573 -13.56 3.32 25.53
N THR A 574 -14.54 4.07 26.02
CA THR A 574 -14.55 4.47 27.42
C THR A 574 -14.68 3.30 28.38
N GLN A 575 -15.36 2.24 27.94
CA GLN A 575 -15.48 1.07 28.78
C GLN A 575 -14.08 0.51 28.96
N GLN A 576 -13.33 0.41 27.86
CA GLN A 576 -11.96 -0.08 27.89
C GLN A 576 -11.12 0.85 28.77
N LEU A 577 -11.18 2.14 28.46
CA LEU A 577 -10.43 3.16 29.17
C LEU A 577 -10.70 3.23 30.67
N ASP A 578 -11.95 3.02 31.07
CA ASP A 578 -12.27 3.08 32.49
C ASP A 578 -11.56 1.96 33.25
N LYS A 579 -11.56 0.75 32.69
CA LYS A 579 -10.90 -0.37 33.35
C LYS A 579 -9.39 -0.15 33.38
N ALA A 580 -8.86 0.44 32.32
CA ALA A 580 -7.43 0.69 32.21
C ALA A 580 -6.88 1.67 33.24
N GLU A 581 -7.65 2.72 33.53
CA GLU A 581 -7.24 3.73 34.50
C GLU A 581 -7.15 3.19 35.92
N LYS A 582 -7.82 2.07 36.19
CA LYS A 582 -7.82 1.46 37.51
C LYS A 582 -6.47 0.88 37.92
N ASP A 583 -6.36 0.51 39.19
CA ASP A 583 -5.14 -0.09 39.70
C ASP A 583 -4.96 -1.43 38.99
N PRO A 584 -3.72 -1.93 38.94
CA PRO A 584 -3.47 -3.22 38.28
C PRO A 584 -4.29 -4.33 38.94
N GLU A 585 -4.47 -4.25 40.26
CA GLU A 585 -5.23 -5.27 40.98
C GLU A 585 -6.72 -5.20 40.69
N GLU A 586 -7.16 -4.10 40.06
CA GLU A 586 -8.56 -3.95 39.71
C GLU A 586 -8.71 -4.30 38.23
N GLY A 587 -7.63 -4.77 37.61
CA GLY A 587 -7.67 -5.10 36.20
C GLY A 587 -7.23 -3.93 35.35
N GLY A 588 -6.62 -2.94 36.00
CA GLY A 588 -6.15 -1.77 35.28
C GLY A 588 -4.81 -2.01 34.63
N MET A 589 -4.36 -1.05 33.85
CA MET A 589 -3.09 -1.17 33.14
C MET A 589 -1.89 -1.36 34.08
N ARG A 590 -0.98 -2.23 33.68
CA ARG A 590 0.22 -2.51 34.46
C ARG A 590 1.19 -1.37 34.26
N PRO A 591 1.73 -0.82 35.36
CA PRO A 591 2.70 0.27 35.18
C PRO A 591 3.97 -0.41 34.68
N ASN A 592 4.90 0.33 34.09
CA ASN A 592 6.11 -0.32 33.60
C ASN A 592 7.14 -0.51 34.70
N GLN A 593 6.67 -0.64 35.95
CA GLN A 593 7.58 -0.84 37.06
C GLN A 593 8.02 -2.30 37.08
N MET A 594 9.17 -2.53 37.71
CA MET A 594 9.71 -3.88 37.84
C MET A 594 10.00 -4.03 39.33
N VAL A 595 8.93 -3.99 40.13
CA VAL A 595 9.04 -4.11 41.57
C VAL A 595 9.89 -5.31 41.98
N LEU A 596 10.60 -5.17 43.09
CA LEU A 596 11.46 -6.23 43.59
C LEU A 596 10.69 -7.27 44.40
P PO4 B . -7.35 -10.65 20.03
O1 PO4 B . -8.35 -9.57 20.23
O2 PO4 B . -6.68 -10.95 21.31
O3 PO4 B . -8.04 -11.86 19.52
O4 PO4 B . -6.34 -10.20 19.03
P TMP C . -15.70 7.02 -0.67
O1P TMP C . -16.35 5.75 -0.21
O2P TMP C . -16.19 8.16 0.11
O3P TMP C . -15.90 7.24 -2.11
O5' TMP C . -14.19 6.82 -0.38
C5' TMP C . -13.09 7.80 -0.65
C4' TMP C . -11.87 7.38 0.19
O4' TMP C . -11.55 8.47 1.10
C3' TMP C . -12.06 6.13 1.09
O3' TMP C . -11.54 5.01 0.39
C2' TMP C . -11.21 6.40 2.32
C1' TMP C . -10.86 7.88 2.21
N1 TMP C . -10.16 8.75 3.18
C2 TMP C . -10.37 8.68 4.58
O2 TMP C . -11.17 7.92 5.13
N3 TMP C . -9.59 9.57 5.32
C4 TMP C . -8.64 10.49 4.79
O4 TMP C . -8.00 11.22 5.54
C5 TMP C . -8.49 10.48 3.34
C5M TMP C . -7.53 11.37 2.70
C6 TMP C . -9.27 9.59 2.60
P TMP D . 16.37 -4.41 0.41
O1P TMP D . 17.36 -3.65 -0.45
O2P TMP D . 15.65 -3.48 1.28
O3P TMP D . 17.06 -5.47 1.18
O5' TMP D . 15.41 -5.04 -0.60
C5' TMP D . 14.24 -5.88 -0.28
C4' TMP D . 13.04 -5.19 -0.93
O4' TMP D . 11.98 -6.17 -1.08
C3' TMP D . 12.44 -4.01 -0.13
O3' TMP D . 11.95 -3.06 -1.04
C2' TMP D . 11.28 -4.62 0.66
C1' TMP D . 10.99 -5.94 -0.05
N1 TMP D . 10.06 -7.02 0.32
C2 TMP D . 8.72 -6.78 0.67
O2 TMP D . 8.21 -5.65 0.71
N3 TMP D . 8.00 -7.93 0.99
C4 TMP D . 8.49 -9.26 0.98
O4 TMP D . 7.77 -10.20 1.29
C5 TMP D . 9.90 -9.42 0.61
C5M TMP D . 10.52 -10.75 0.56
C6 TMP D . 10.63 -8.26 0.28
#